data_5VND
#
_entry.id   5VND
#
_cell.length_a   208.494
_cell.length_b   58.925
_cell.length_c   65.935
_cell.angle_alpha   90.00
_cell.angle_beta   107.59
_cell.angle_gamma   90.00
#
_symmetry.space_group_name_H-M   'C 1 2 1'
#
loop_
_entity.id
_entity.type
_entity.pdbx_description
1 polymer 'Fibroblast growth factor receptor 1'
2 non-polymer N-{2-[(6-{[(2,6-dichloro-3,5-dimethoxyphenyl)carbamoyl](methyl)amino}pyrimidin-4-yl)amino]-5-(4-ethylpiperazin-1-yl)phenyl}propanamide
3 non-polymer 'SULFATE ION'
4 non-polymer 1,2-ETHANEDIOL
5 water water
#
_entity_poly.entity_id   1
_entity_poly.type   'polypeptide(L)'
_entity_poly.pdbx_seq_one_letter_code
;GAGVSEYELPEDPRWELPRDRLVLGKPLGEGAFGQVVLAEAIGLDKDKPNRVTKVAVKMLKSDATEKDLSDLISEMEMMK
MIGKHKNIINLLGACTQDGPLYVIVECASKGNLREYLQARRPPGLEYSYNPSHNPEEQLSSKDLVSCAYQVARGMEYLAS
KKCIHRDLAARNVLVTEDNVMKIADFGLARDIHHIDYYKKTTNGRLPVKWMAPEALFDRIYTHQSDVWSFGVLLWEIFTL
GGSPYPGVPVEELFKLLKEGHRMDKPSNCTNELYMMMRDCWHAVPSQRPTFKQLVEDLDRIVALTSNQE
;
_entity_poly.pdbx_strand_id   A,B
#
# COMPACT_ATOMS: atom_id res chain seq x y z
N TYR A 7 5.19 -49.75 -4.75
CA TYR A 7 5.65 -50.11 -6.13
C TYR A 7 4.53 -50.27 -7.21
N GLU A 8 3.44 -51.01 -6.88
CA GLU A 8 2.29 -51.29 -7.80
C GLU A 8 0.95 -51.14 -7.07
N LEU A 9 -0.06 -50.70 -7.82
CA LEU A 9 -1.24 -50.06 -7.25
C LEU A 9 -2.56 -50.83 -7.51
N PRO A 10 -3.54 -50.73 -6.60
CA PRO A 10 -4.91 -51.19 -6.94
C PRO A 10 -5.53 -50.40 -8.11
N GLU A 11 -6.55 -50.97 -8.74
CA GLU A 11 -7.26 -50.33 -9.84
C GLU A 11 -8.65 -50.00 -9.37
N ASP A 12 -9.09 -48.81 -9.72
CA ASP A 12 -10.45 -48.38 -9.54
C ASP A 12 -11.01 -48.19 -10.96
N PRO A 13 -11.76 -49.19 -11.48
CA PRO A 13 -12.29 -49.18 -12.86
C PRO A 13 -13.08 -47.98 -13.32
N ARG A 14 -13.80 -47.35 -12.43
CA ARG A 14 -14.58 -46.18 -12.78
C ARG A 14 -13.68 -44.96 -13.12
N TRP A 15 -12.48 -44.86 -12.54
CA TRP A 15 -11.55 -43.80 -12.81
C TRP A 15 -10.46 -44.16 -13.82
N GLU A 16 -10.26 -45.45 -14.13
CA GLU A 16 -9.14 -45.91 -14.97
C GLU A 16 -9.28 -45.54 -16.41
N LEU A 17 -8.21 -44.94 -16.94
CA LEU A 17 -8.13 -44.62 -18.37
C LEU A 17 -6.93 -45.41 -18.96
N PRO A 18 -7.16 -46.16 -20.04
CA PRO A 18 -6.08 -46.86 -20.74
C PRO A 18 -5.03 -45.88 -21.25
N ARG A 19 -3.75 -46.23 -21.08
CA ARG A 19 -2.62 -45.37 -21.43
C ARG A 19 -2.60 -44.98 -22.88
N ASP A 20 -3.04 -45.90 -23.71
CA ASP A 20 -3.18 -45.60 -25.11
C ASP A 20 -4.20 -44.51 -25.40
N ARG A 21 -5.03 -44.11 -24.43
CA ARG A 21 -6.05 -43.05 -24.63
C ARG A 21 -5.57 -41.64 -24.18
N LEU A 22 -4.32 -41.57 -23.80
CA LEU A 22 -3.77 -40.34 -23.29
C LEU A 22 -2.50 -39.97 -24.08
N VAL A 23 -2.56 -38.82 -24.77
CA VAL A 23 -1.47 -38.30 -25.54
C VAL A 23 -0.82 -37.17 -24.76
N LEU A 24 0.35 -37.47 -24.16
CA LEU A 24 1.10 -36.51 -23.41
C LEU A 24 1.62 -35.41 -24.33
N GLY A 25 1.73 -34.18 -23.82
CA GLY A 25 2.11 -33.02 -24.60
C GLY A 25 3.16 -32.24 -23.86
N LYS A 26 3.19 -30.93 -24.03
CA LYS A 26 4.29 -30.17 -23.47
C LYS A 26 4.25 -30.09 -21.92
N PRO A 27 5.43 -30.06 -21.28
CA PRO A 27 5.49 -29.82 -19.81
C PRO A 27 4.90 -28.48 -19.37
N LEU A 28 4.30 -28.42 -18.19
CA LEU A 28 3.87 -27.15 -17.55
C LEU A 28 4.81 -26.74 -16.42
N GLY A 29 5.51 -27.69 -15.83
CA GLY A 29 6.65 -27.44 -14.92
C GLY A 29 6.58 -28.36 -13.73
N GLU A 30 7.66 -28.37 -12.96
CA GLU A 30 7.71 -29.11 -11.70
C GLU A 30 7.27 -28.15 -10.62
N GLY A 31 6.60 -28.67 -9.60
CA GLY A 31 6.43 -27.93 -8.35
C GLY A 31 7.11 -28.70 -7.25
N ALA A 32 6.86 -28.29 -5.99
CA ALA A 32 7.20 -29.09 -4.80
C ALA A 32 6.53 -30.44 -4.91
N PHE A 33 5.38 -30.47 -5.57
CA PHE A 33 4.47 -31.62 -5.53
C PHE A 33 5.09 -32.72 -6.44
N GLY A 34 4.99 -32.47 -7.73
CA GLY A 34 5.37 -33.41 -8.78
C GLY A 34 5.53 -32.65 -10.10
N GLN A 35 5.55 -33.36 -11.20
CA GLN A 35 5.60 -32.75 -12.51
C GLN A 35 4.20 -32.73 -13.16
N VAL A 36 3.86 -31.65 -13.88
CA VAL A 36 2.61 -31.58 -14.63
C VAL A 36 2.86 -31.38 -16.10
N VAL A 37 2.01 -32.01 -16.92
CA VAL A 37 2.07 -31.92 -18.35
C VAL A 37 0.67 -31.76 -18.94
N LEU A 38 0.60 -30.98 -19.99
CA LEU A 38 -0.58 -30.85 -20.78
C LEU A 38 -0.77 -32.15 -21.56
N ALA A 39 -2.02 -32.52 -21.83
CA ALA A 39 -2.30 -33.72 -22.60
C ALA A 39 -3.65 -33.67 -23.21
N GLU A 40 -3.87 -34.64 -24.11
CA GLU A 40 -5.14 -34.89 -24.73
C GLU A 40 -5.62 -36.28 -24.37
N ALA A 41 -6.85 -36.35 -23.86
CA ALA A 41 -7.42 -37.62 -23.44
C ALA A 41 -8.60 -37.94 -24.33
N ILE A 42 -8.68 -39.18 -24.77
CA ILE A 42 -9.69 -39.61 -25.72
C ILE A 42 -10.62 -40.53 -24.94
N GLY A 43 -11.90 -40.28 -25.08
CA GLY A 43 -12.88 -41.13 -24.44
C GLY A 43 -12.87 -41.19 -22.93
N LEU A 44 -12.90 -40.01 -22.29
CA LEU A 44 -13.01 -39.89 -20.82
C LEU A 44 -14.36 -40.33 -20.29
N ASP A 45 -15.41 -39.91 -20.99
CA ASP A 45 -16.78 -40.37 -20.79
C ASP A 45 -17.03 -41.71 -21.55
N LYS A 46 -17.80 -42.62 -20.92
CA LYS A 46 -18.34 -43.84 -21.55
C LYS A 46 -19.21 -43.47 -22.76
N ASP A 47 -20.19 -42.57 -22.52
CA ASP A 47 -21.12 -42.09 -23.53
C ASP A 47 -20.48 -41.11 -24.54
N LYS A 48 -19.15 -40.96 -24.58
CA LYS A 48 -18.49 -40.19 -25.64
C LYS A 48 -17.00 -40.63 -25.92
N PRO A 49 -16.79 -41.85 -26.51
CA PRO A 49 -15.45 -42.47 -26.60
C PRO A 49 -14.50 -42.03 -27.74
N ASN A 50 -14.98 -41.20 -28.67
CA ASN A 50 -14.21 -40.59 -29.79
C ASN A 50 -13.84 -39.09 -29.65
N ARG A 51 -14.30 -38.47 -28.56
CA ARG A 51 -14.02 -37.05 -28.25
C ARG A 51 -12.68 -36.90 -27.56
N VAL A 52 -11.84 -35.96 -28.04
CA VAL A 52 -10.61 -35.59 -27.33
CA VAL A 52 -10.61 -35.58 -27.34
C VAL A 52 -10.89 -34.40 -26.40
N THR A 53 -10.43 -34.49 -25.17
CA THR A 53 -10.48 -33.40 -24.17
C THR A 53 -9.04 -33.00 -23.80
N LYS A 54 -8.73 -31.70 -23.90
CA LYS A 54 -7.48 -31.17 -23.32
C LYS A 54 -7.54 -31.25 -21.78
N VAL A 55 -6.47 -31.73 -21.15
CA VAL A 55 -6.44 -31.98 -19.73
C VAL A 55 -5.08 -31.65 -19.17
N ALA A 56 -4.97 -31.62 -17.84
CA ALA A 56 -3.64 -31.53 -17.20
C ALA A 56 -3.40 -32.82 -16.50
N VAL A 57 -2.13 -33.23 -16.46
CA VAL A 57 -1.74 -34.50 -15.89
C VAL A 57 -0.54 -34.38 -14.93
N LYS A 58 -0.73 -34.88 -13.71
CA LYS A 58 0.28 -34.90 -12.70
C LYS A 58 0.91 -36.29 -12.60
N MET A 59 2.23 -36.32 -12.48
CA MET A 59 3.02 -37.53 -12.38
C MET A 59 4.24 -37.22 -11.55
N LEU A 60 4.96 -38.26 -11.17
CA LEU A 60 6.18 -38.07 -10.39
C LEU A 60 7.31 -37.63 -11.29
N LYS A 61 8.27 -36.90 -10.74
CA LYS A 61 9.51 -36.49 -11.48
C LYS A 61 10.62 -37.55 -11.22
N SER A 62 11.50 -37.77 -12.21
CA SER A 62 12.48 -38.89 -12.15
C SER A 62 13.49 -38.84 -11.00
N ASP A 63 13.59 -37.71 -10.30
CA ASP A 63 14.18 -37.74 -8.94
C ASP A 63 13.14 -38.39 -8.02
N ALA A 64 12.78 -39.63 -8.35
CA ALA A 64 11.54 -40.23 -7.85
C ALA A 64 11.68 -40.36 -6.35
N THR A 65 10.87 -39.62 -5.61
CA THR A 65 11.02 -39.61 -4.16
C THR A 65 10.22 -40.80 -3.75
N GLU A 66 10.26 -41.17 -2.48
CA GLU A 66 9.42 -42.25 -2.04
C GLU A 66 8.09 -41.71 -1.57
N LYS A 67 8.15 -40.87 -0.54
CA LYS A 67 6.99 -40.25 0.07
C LYS A 67 6.11 -39.62 -0.98
N ASP A 68 6.75 -39.04 -2.00
CA ASP A 68 5.99 -38.34 -3.03
C ASP A 68 4.94 -39.22 -3.72
N LEU A 69 5.22 -40.51 -3.91
CA LEU A 69 4.22 -41.44 -4.43
C LEU A 69 3.02 -41.56 -3.51
N SER A 70 3.23 -41.72 -2.22
CA SER A 70 2.08 -41.80 -1.31
C SER A 70 1.33 -40.46 -1.24
N ASP A 71 2.04 -39.35 -1.42
CA ASP A 71 1.41 -38.03 -1.49
C ASP A 71 0.56 -37.83 -2.74
N LEU A 72 1.05 -38.29 -3.88
CA LEU A 72 0.31 -38.15 -5.11
C LEU A 72 -0.93 -39.03 -5.09
N ILE A 73 -0.80 -40.23 -4.54
CA ILE A 73 -1.95 -41.11 -4.37
C ILE A 73 -2.99 -40.46 -3.47
N SER A 74 -2.52 -39.95 -2.35
CA SER A 74 -3.39 -39.29 -1.37
C SER A 74 -4.17 -38.07 -1.97
N GLU A 75 -3.49 -37.26 -2.77
CA GLU A 75 -4.11 -36.14 -3.45
C GLU A 75 -5.24 -36.64 -4.39
N MET A 76 -4.94 -37.66 -5.20
CA MET A 76 -6.00 -38.30 -6.03
C MET A 76 -7.15 -38.82 -5.21
N GLU A 77 -6.85 -39.51 -4.11
CA GLU A 77 -7.90 -40.15 -3.32
C GLU A 77 -8.79 -39.14 -2.62
N MET A 78 -8.18 -38.08 -2.14
CA MET A 78 -8.93 -36.94 -1.56
C MET A 78 -9.85 -36.26 -2.60
N MET A 79 -9.34 -36.04 -3.79
CA MET A 79 -10.18 -35.49 -4.85
C MET A 79 -11.35 -36.40 -5.17
N LYS A 80 -11.10 -37.70 -5.19
CA LYS A 80 -12.29 -38.63 -5.32
C LYS A 80 -13.28 -38.43 -4.20
N MET A 81 -12.79 -38.33 -2.97
CA MET A 81 -13.77 -38.16 -1.83
C MET A 81 -14.53 -36.85 -1.79
N ILE A 82 -13.88 -35.77 -2.23
CA ILE A 82 -14.55 -34.47 -2.25
C ILE A 82 -15.68 -34.41 -3.28
N GLY A 83 -15.50 -35.07 -4.42
CA GLY A 83 -16.50 -35.03 -5.47
C GLY A 83 -16.40 -33.74 -6.29
N LYS A 84 -17.34 -33.60 -7.20
CA LYS A 84 -17.29 -32.66 -8.30
C LYS A 84 -18.02 -31.40 -7.99
N HIS A 85 -17.46 -30.29 -8.48
CA HIS A 85 -18.15 -29.02 -8.40
C HIS A 85 -17.66 -28.17 -9.51
N LYS A 86 -18.53 -27.34 -10.01
CA LYS A 86 -18.20 -26.43 -11.09
C LYS A 86 -16.98 -25.52 -10.79
N ASN A 87 -16.83 -25.07 -9.55
CA ASN A 87 -15.85 -24.11 -9.18
C ASN A 87 -14.64 -24.67 -8.45
N ILE A 88 -14.31 -25.91 -8.74
CA ILE A 88 -13.02 -26.47 -8.36
C ILE A 88 -12.48 -27.18 -9.57
N ILE A 89 -11.18 -27.44 -9.54
CA ILE A 89 -10.53 -28.24 -10.57
C ILE A 89 -10.84 -29.68 -10.26
N ASN A 90 -11.52 -30.35 -11.20
CA ASN A 90 -12.04 -31.72 -10.99
C ASN A 90 -11.12 -32.81 -11.53
N LEU A 91 -11.07 -33.93 -10.82
CA LEU A 91 -10.45 -35.20 -11.26
C LEU A 91 -11.27 -35.76 -12.37
N LEU A 92 -10.59 -36.19 -13.43
CA LEU A 92 -11.27 -36.79 -14.59
C LEU A 92 -10.90 -38.22 -14.80
N GLY A 93 -9.76 -38.63 -14.28
CA GLY A 93 -9.27 -39.97 -14.52
C GLY A 93 -7.87 -40.20 -13.96
N ALA A 94 -7.42 -41.45 -14.11
CA ALA A 94 -6.07 -41.86 -13.72
C ALA A 94 -5.59 -43.08 -14.53
N CYS A 95 -4.27 -43.14 -14.75
CA CYS A 95 -3.56 -44.31 -15.32
C CYS A 95 -2.70 -44.85 -14.20
N THR A 96 -3.17 -45.95 -13.59
CA THR A 96 -2.57 -46.48 -12.35
C THR A 96 -1.82 -47.84 -12.55
N GLN A 97 -2.05 -48.51 -13.69
CA GLN A 97 -1.59 -49.87 -13.93
C GLN A 97 -0.50 -49.92 -15.00
N ASP A 98 0.53 -50.76 -14.77
CA ASP A 98 1.57 -51.05 -15.78
C ASP A 98 2.25 -49.81 -16.34
N GLY A 99 2.80 -49.03 -15.41
CA GLY A 99 3.44 -47.76 -15.77
C GLY A 99 3.36 -46.75 -14.65
N PRO A 100 3.96 -45.56 -14.87
CA PRO A 100 3.88 -44.48 -13.88
C PRO A 100 2.41 -43.99 -13.61
N LEU A 101 2.13 -43.64 -12.36
CA LEU A 101 0.86 -43.04 -11.97
C LEU A 101 0.69 -41.69 -12.69
N TYR A 102 -0.39 -41.58 -13.46
CA TYR A 102 -0.82 -40.31 -14.02
C TYR A 102 -2.18 -39.93 -13.42
N VAL A 103 -2.28 -38.72 -12.83
CA VAL A 103 -3.56 -38.22 -12.26
C VAL A 103 -4.03 -37.10 -13.21
N ILE A 104 -5.22 -37.25 -13.74
CA ILE A 104 -5.72 -36.44 -14.84
C ILE A 104 -6.82 -35.53 -14.35
N VAL A 105 -6.68 -34.23 -14.58
CA VAL A 105 -7.62 -33.23 -14.12
C VAL A 105 -7.96 -32.26 -15.21
N GLU A 106 -9.02 -31.46 -14.95
CA GLU A 106 -9.50 -30.41 -15.84
C GLU A 106 -8.39 -29.41 -16.15
N CYS A 107 -8.37 -28.94 -17.38
CA CYS A 107 -7.41 -27.99 -17.84
C CYS A 107 -8.15 -26.66 -17.91
N ALA A 108 -7.55 -25.62 -17.33
CA ALA A 108 -8.19 -24.30 -17.30
C ALA A 108 -7.33 -23.44 -18.20
N SER A 109 -7.87 -23.05 -19.34
CA SER A 109 -6.99 -22.53 -20.38
C SER A 109 -6.54 -21.11 -20.18
N LYS A 110 -7.21 -20.32 -19.35
CA LYS A 110 -6.81 -18.91 -19.18
C LYS A 110 -5.86 -18.65 -18.04
N GLY A 111 -5.27 -19.69 -17.47
CA GLY A 111 -4.23 -19.53 -16.45
C GLY A 111 -4.81 -19.23 -15.05
N ASN A 112 -3.98 -18.68 -14.17
CA ASN A 112 -4.42 -18.30 -12.82
C ASN A 112 -5.05 -16.93 -12.76
N LEU A 113 -5.76 -16.68 -11.68
CA LEU A 113 -6.58 -15.50 -11.61
C LEU A 113 -5.74 -14.27 -11.51
N ARG A 114 -4.60 -14.36 -10.84
CA ARG A 114 -3.72 -13.18 -10.62
C ARG A 114 -3.34 -12.68 -12.02
N GLU A 115 -2.84 -13.58 -12.85
CA GLU A 115 -2.50 -13.26 -14.25
C GLU A 115 -3.67 -12.79 -15.08
N TYR A 116 -4.79 -13.47 -14.95
CA TYR A 116 -5.98 -13.13 -15.70
C TYR A 116 -6.42 -11.70 -15.40
N LEU A 117 -6.31 -11.28 -14.12
CA LEU A 117 -6.65 -9.92 -13.75
C LEU A 117 -5.58 -8.91 -14.23
N GLN A 118 -4.29 -9.25 -14.09
CA GLN A 118 -3.20 -8.37 -14.51
C GLN A 118 -3.24 -8.04 -15.97
N ALA A 119 -3.57 -9.03 -16.79
CA ALA A 119 -3.65 -8.88 -18.23
C ALA A 119 -4.84 -8.05 -18.68
N ARG A 120 -5.81 -7.86 -17.81
CA ARG A 120 -7.04 -7.12 -18.13
C ARG A 120 -7.11 -5.80 -17.44
N ARG A 121 -5.95 -5.34 -16.94
CA ARG A 121 -5.87 -4.01 -16.36
C ARG A 121 -6.06 -2.96 -17.45
N PRO A 122 -6.52 -1.77 -17.05
CA PRO A 122 -6.81 -0.81 -18.09
C PRO A 122 -5.50 -0.34 -18.71
N PRO A 123 -5.60 0.24 -19.91
CA PRO A 123 -4.42 0.62 -20.70
C PRO A 123 -3.36 1.47 -20.01
N GLY A 124 -2.11 1.18 -20.33
CA GLY A 124 -0.99 2.04 -20.03
C GLY A 124 -1.13 3.54 -20.32
N LEU A 125 -0.63 4.33 -19.39
CA LEU A 125 -0.55 5.77 -19.61
C LEU A 125 0.91 6.26 -19.52
N GLU A 126 1.09 7.51 -19.91
CA GLU A 126 2.38 8.24 -19.93
C GLU A 126 3.26 7.99 -18.65
N TYR A 127 2.61 7.79 -17.49
CA TYR A 127 3.30 7.61 -16.20
C TYR A 127 3.42 6.16 -15.75
N SER A 128 2.86 5.23 -16.51
CA SER A 128 2.76 3.80 -16.11
C SER A 128 4.15 3.12 -16.18
N TYR A 129 4.36 2.09 -15.36
CA TYR A 129 5.47 1.12 -15.56
C TYR A 129 5.50 0.64 -17.03
N ASN A 130 4.30 0.38 -17.59
CA ASN A 130 4.11 -0.15 -18.94
C ASN A 130 3.16 0.72 -19.81
N PRO A 131 3.65 1.83 -20.41
CA PRO A 131 2.74 2.72 -21.20
C PRO A 131 2.09 2.10 -22.46
N SER A 132 2.70 1.06 -23.04
CA SER A 132 2.10 0.39 -24.22
C SER A 132 1.20 -0.82 -23.85
N HIS A 133 1.04 -1.14 -22.55
CA HIS A 133 0.00 -2.12 -22.09
C HIS A 133 -1.37 -1.75 -22.69
N ASN A 134 -1.87 -2.59 -23.61
CA ASN A 134 -3.18 -2.34 -24.25
C ASN A 134 -4.05 -3.61 -24.20
N PRO A 135 -4.74 -3.91 -23.07
CA PRO A 135 -5.33 -5.24 -22.89
C PRO A 135 -6.36 -5.64 -24.01
N GLU A 136 -6.32 -6.89 -24.41
CA GLU A 136 -7.34 -7.53 -25.26
C GLU A 136 -8.80 -7.32 -24.75
N GLU A 137 -9.05 -7.68 -23.48
CA GLU A 137 -10.36 -7.65 -22.83
C GLU A 137 -10.33 -6.74 -21.59
N GLN A 138 -11.53 -6.36 -21.14
CA GLN A 138 -11.76 -5.58 -19.94
C GLN A 138 -12.91 -6.21 -19.12
N LEU A 139 -12.81 -6.04 -17.81
CA LEU A 139 -13.79 -6.58 -16.87
C LEU A 139 -14.59 -5.45 -16.34
N SER A 140 -15.92 -5.63 -16.25
CA SER A 140 -16.80 -4.66 -15.57
C SER A 140 -16.76 -4.89 -14.05
N SER A 141 -17.35 -3.96 -13.29
CA SER A 141 -17.50 -4.13 -11.83
C SER A 141 -18.27 -5.42 -11.45
N LYS A 142 -19.26 -5.74 -12.26
CA LYS A 142 -20.00 -6.97 -12.11
C LYS A 142 -19.18 -8.22 -12.35
N ASP A 143 -18.33 -8.21 -13.37
CA ASP A 143 -17.40 -9.32 -13.60
C ASP A 143 -16.51 -9.59 -12.38
N LEU A 144 -16.07 -8.52 -11.72
CA LEU A 144 -15.16 -8.67 -10.60
C LEU A 144 -15.90 -9.27 -9.39
N VAL A 145 -17.10 -8.80 -9.18
CA VAL A 145 -17.89 -9.32 -8.10
C VAL A 145 -18.22 -10.76 -8.37
N SER A 146 -18.53 -11.03 -9.61
CA SER A 146 -18.81 -12.36 -10.03
C SER A 146 -17.58 -13.33 -9.86
N CYS A 147 -16.32 -12.92 -10.12
CA CYS A 147 -15.18 -13.79 -9.79
C CYS A 147 -15.25 -14.16 -8.31
N ALA A 148 -15.52 -13.14 -7.43
CA ALA A 148 -15.55 -13.33 -5.98
C ALA A 148 -16.61 -14.34 -5.54
N TYR A 149 -17.81 -14.16 -6.09
CA TYR A 149 -18.93 -15.06 -5.88
C TYR A 149 -18.58 -16.52 -6.23
N GLN A 150 -17.97 -16.71 -7.38
CA GLN A 150 -17.61 -18.04 -7.86
C GLN A 150 -16.57 -18.72 -6.97
N VAL A 151 -15.54 -17.98 -6.58
CA VAL A 151 -14.60 -18.54 -5.63
C VAL A 151 -15.25 -18.88 -4.31
N ALA A 152 -16.06 -17.98 -3.77
CA ALA A 152 -16.78 -18.24 -2.50
C ALA A 152 -17.61 -19.49 -2.60
N ARG A 153 -18.26 -19.66 -3.73
CA ARG A 153 -19.13 -20.85 -3.97
C ARG A 153 -18.30 -22.12 -4.03
N GLY A 154 -17.14 -22.04 -4.67
CA GLY A 154 -16.19 -23.16 -4.63
C GLY A 154 -15.74 -23.51 -3.22
N MET A 155 -15.40 -22.48 -2.46
CA MET A 155 -14.98 -22.66 -1.08
C MET A 155 -16.12 -23.17 -0.16
N GLU A 156 -17.32 -22.68 -0.37
CA GLU A 156 -18.48 -23.21 0.37
C GLU A 156 -18.63 -24.72 0.15
N TYR A 157 -18.44 -25.17 -1.10
CA TYR A 157 -18.52 -26.55 -1.43
C TYR A 157 -17.46 -27.33 -0.71
N LEU A 158 -16.21 -26.89 -0.84
CA LEU A 158 -15.11 -27.56 -0.16
C LEU A 158 -15.34 -27.64 1.33
N ALA A 159 -15.82 -26.53 1.90
CA ALA A 159 -16.06 -26.50 3.34
C ALA A 159 -17.12 -27.52 3.75
N SER A 160 -18.14 -27.70 2.93
CA SER A 160 -19.16 -28.67 3.23
C SER A 160 -18.60 -30.10 3.11
N LYS A 161 -17.46 -30.30 2.45
CA LYS A 161 -16.82 -31.61 2.42
C LYS A 161 -15.71 -31.67 3.41
N LYS A 162 -15.70 -30.77 4.37
CA LYS A 162 -14.74 -30.79 5.46
C LYS A 162 -13.35 -30.53 5.01
N CYS A 163 -13.20 -29.88 3.86
CA CYS A 163 -11.87 -29.59 3.35
C CYS A 163 -11.49 -28.15 3.78
N ILE A 164 -10.31 -28.04 4.37
CA ILE A 164 -9.68 -26.78 4.66
C ILE A 164 -8.56 -26.60 3.68
N HIS A 165 -8.54 -25.46 2.99
CA HIS A 165 -7.59 -25.28 1.90
C HIS A 165 -6.22 -24.98 2.40
N ARG A 166 -6.12 -24.00 3.28
CA ARG A 166 -4.84 -23.53 3.87
C ARG A 166 -3.87 -22.76 3.01
N ASP A 167 -4.18 -22.49 1.72
CA ASP A 167 -3.47 -21.47 0.86
C ASP A 167 -4.36 -20.90 -0.23
N LEU A 168 -5.51 -20.40 0.17
CA LEU A 168 -6.37 -19.76 -0.76
C LEU A 168 -5.76 -18.39 -1.16
N ALA A 169 -5.62 -18.16 -2.46
CA ALA A 169 -4.99 -16.97 -3.02
C ALA A 169 -5.31 -16.99 -4.50
N ALA A 170 -5.22 -15.82 -5.17
CA ALA A 170 -5.55 -15.77 -6.58
C ALA A 170 -4.64 -16.69 -7.41
N ARG A 171 -3.38 -16.88 -7.01
CA ARG A 171 -2.50 -17.85 -7.70
C ARG A 171 -3.07 -19.26 -7.72
N ASN A 172 -3.92 -19.63 -6.76
CA ASN A 172 -4.54 -20.92 -6.66
C ASN A 172 -5.98 -20.95 -7.06
N VAL A 173 -6.39 -19.97 -7.85
CA VAL A 173 -7.66 -20.04 -8.56
C VAL A 173 -7.33 -20.04 -10.05
N LEU A 174 -7.95 -20.96 -10.81
CA LEU A 174 -7.68 -21.05 -12.25
C LEU A 174 -8.92 -20.69 -13.00
N VAL A 175 -8.74 -20.23 -14.23
CA VAL A 175 -9.83 -19.69 -15.06
C VAL A 175 -9.96 -20.51 -16.37
N THR A 176 -11.16 -20.99 -16.66
CA THR A 176 -11.41 -21.77 -17.83
C THR A 176 -11.58 -20.84 -19.04
N GLU A 177 -11.69 -21.48 -20.22
CA GLU A 177 -12.04 -20.79 -21.49
C GLU A 177 -13.36 -20.01 -21.41
N ASP A 178 -14.32 -20.50 -20.62
CA ASP A 178 -15.58 -19.78 -20.39
C ASP A 178 -15.55 -18.85 -19.21
N ASN A 179 -14.35 -18.49 -18.72
CA ASN A 179 -14.26 -17.57 -17.56
C ASN A 179 -14.89 -18.07 -16.24
N VAL A 180 -14.93 -19.36 -16.05
CA VAL A 180 -15.35 -19.95 -14.81
C VAL A 180 -14.11 -20.01 -13.87
N MET A 181 -14.29 -19.66 -12.61
CA MET A 181 -13.25 -19.72 -11.61
C MET A 181 -13.22 -21.14 -11.02
N LYS A 182 -12.03 -21.73 -10.95
CA LYS A 182 -11.83 -23.05 -10.32
C LYS A 182 -10.69 -23.04 -9.32
N ILE A 183 -11.01 -23.41 -8.08
CA ILE A 183 -10.07 -23.52 -7.02
C ILE A 183 -9.14 -24.69 -7.29
N ALA A 184 -7.85 -24.47 -7.06
CA ALA A 184 -6.83 -25.44 -7.36
C ALA A 184 -6.15 -25.80 -6.05
N ASP A 185 -5.45 -26.94 -6.07
CA ASP A 185 -4.49 -27.37 -5.02
C ASP A 185 -5.20 -27.42 -3.69
N PHE A 186 -6.42 -27.92 -3.69
CA PHE A 186 -7.22 -28.12 -2.47
C PHE A 186 -7.06 -29.55 -1.90
N GLY A 187 -6.58 -30.50 -2.69
CA GLY A 187 -6.31 -31.88 -2.18
C GLY A 187 -5.05 -32.15 -1.35
N LEU A 188 -4.20 -31.12 -1.15
CA LEU A 188 -2.87 -31.22 -0.50
C LEU A 188 -2.95 -31.25 1.06
N ALA A 189 -1.79 -31.45 1.69
CA ALA A 189 -1.55 -31.22 3.15
C ALA A 189 -0.12 -30.60 3.36
N ARG A 190 0.20 -30.07 4.56
CA ARG A 190 1.48 -29.33 4.75
C ARG A 190 2.58 -30.14 5.49
N ASP A 191 2.39 -30.56 6.74
CA ASP A 191 1.29 -30.16 7.62
C ASP A 191 1.88 -29.48 8.85
N HIS A 193 4.85 -28.80 11.88
CA HIS A 193 5.67 -28.14 10.88
C HIS A 193 5.07 -26.80 10.46
N HIS A 194 5.88 -25.97 9.82
CA HIS A 194 5.43 -24.66 9.37
C HIS A 194 6.18 -24.23 8.11
N ILE A 195 6.79 -25.18 7.43
CA ILE A 195 7.54 -24.91 6.21
C ILE A 195 8.68 -23.89 6.24
N ASP A 196 8.65 -22.95 5.31
CA ASP A 196 9.67 -21.91 5.24
C ASP A 196 8.83 -20.64 5.13
N TYR A 197 8.60 -19.99 6.26
CA TYR A 197 7.82 -18.77 6.29
C TYR A 197 8.47 -17.74 5.40
N TYR A 198 9.68 -18.02 4.95
CA TYR A 198 10.40 -17.09 4.11
C TYR A 198 10.49 -17.51 2.67
N LYS A 199 9.99 -18.69 2.33
CA LYS A 199 10.08 -19.15 0.95
C LYS A 199 9.11 -18.38 0.10
N LYS A 200 9.56 -17.84 -1.02
CA LYS A 200 8.65 -17.11 -1.87
C LYS A 200 8.03 -17.96 -2.97
N THR A 201 7.06 -17.40 -3.68
CA THR A 201 6.40 -18.09 -4.76
C THR A 201 7.20 -17.79 -6.00
N THR A 202 6.92 -18.50 -7.08
CA THR A 202 7.62 -18.28 -8.32
C THR A 202 7.61 -16.79 -8.67
N ASN A 203 6.49 -16.15 -8.45
CA ASN A 203 6.31 -14.74 -8.75
C ASN A 203 6.98 -13.86 -7.71
N GLY A 204 7.66 -14.50 -6.76
CA GLY A 204 8.37 -13.79 -5.72
C GLY A 204 7.58 -13.16 -4.60
N ARG A 205 6.53 -13.82 -4.17
CA ARG A 205 5.71 -13.30 -3.09
C ARG A 205 5.70 -14.28 -1.95
N LEU A 206 5.46 -13.78 -0.75
CA LEU A 206 5.42 -14.58 0.44
C LEU A 206 4.03 -15.02 0.85
N PRO A 207 3.84 -16.39 0.79
CA PRO A 207 2.50 -16.85 1.19
C PRO A 207 2.01 -16.48 2.58
N VAL A 208 2.88 -16.15 3.51
CA VAL A 208 2.42 -15.77 4.82
C VAL A 208 1.47 -14.59 4.78
N LYS A 209 1.48 -13.81 3.70
CA LYS A 209 0.65 -12.65 3.58
C LYS A 209 -0.81 -12.92 3.38
N TRP A 210 -1.16 -14.17 3.17
CA TRP A 210 -2.56 -14.61 3.06
C TRP A 210 -3.07 -15.37 4.27
N MET A 211 -2.19 -15.52 5.27
CA MET A 211 -2.47 -16.41 6.40
C MET A 211 -3.09 -15.67 7.59
N ALA A 212 -4.15 -16.27 8.13
CA ALA A 212 -4.79 -15.72 9.30
C ALA A 212 -3.77 -15.68 10.45
N PRO A 213 -3.89 -14.69 11.36
CA PRO A 213 -2.98 -14.63 12.51
C PRO A 213 -2.98 -15.88 13.40
N GLU A 214 -4.12 -16.51 13.62
CA GLU A 214 -4.11 -17.73 14.44
C GLU A 214 -3.38 -18.92 13.77
N ALA A 215 -3.37 -18.95 12.44
CA ALA A 215 -2.63 -19.94 11.70
C ALA A 215 -1.14 -19.63 11.69
N LEU A 216 -0.85 -18.37 11.50
CA LEU A 216 0.51 -17.91 11.48
C LEU A 216 1.15 -18.04 12.86
N PHE A 217 0.46 -17.62 13.93
CA PHE A 217 1.06 -17.64 15.29
C PHE A 217 0.79 -18.92 16.12
N ASP A 218 -0.38 -19.53 15.98
CA ASP A 218 -0.75 -20.71 16.81
C ASP A 218 -0.97 -22.00 16.00
N ARG A 219 -0.57 -22.02 14.73
CA ARG A 219 -0.77 -23.15 13.83
C ARG A 219 -2.21 -23.70 13.73
N ILE A 220 -3.21 -22.88 14.06
CA ILE A 220 -4.61 -23.26 14.05
C ILE A 220 -5.17 -22.91 12.69
N TYR A 221 -5.61 -23.93 11.96
CA TYR A 221 -6.17 -23.78 10.61
C TYR A 221 -7.61 -24.26 10.63
N THR A 222 -8.55 -23.43 10.23
CA THR A 222 -9.95 -23.78 10.23
C THR A 222 -10.60 -23.18 9.00
N HIS A 223 -11.90 -23.41 8.85
CA HIS A 223 -12.62 -22.77 7.80
C HIS A 223 -12.55 -21.28 7.99
N GLN A 224 -12.54 -20.85 9.24
CA GLN A 224 -12.42 -19.43 9.56
C GLN A 224 -11.10 -18.79 9.14
N SER A 225 -10.01 -19.56 9.18
CA SER A 225 -8.73 -19.08 8.70
C SER A 225 -8.69 -18.97 7.16
N ASP A 226 -9.40 -19.86 6.47
CA ASP A 226 -9.60 -19.75 5.04
C ASP A 226 -10.44 -18.49 4.66
N VAL A 227 -11.39 -18.13 5.52
CA VAL A 227 -12.19 -16.91 5.31
C VAL A 227 -11.29 -15.66 5.35
N TRP A 228 -10.34 -15.60 6.27
CA TRP A 228 -9.37 -14.53 6.28
C TRP A 228 -8.60 -14.46 4.93
N SER A 229 -8.09 -15.62 4.45
CA SER A 229 -7.44 -15.68 3.18
C SER A 229 -8.34 -15.23 2.06
N PHE A 230 -9.62 -15.61 2.11
CA PHE A 230 -10.55 -15.13 1.13
C PHE A 230 -10.65 -13.61 1.07
N GLY A 231 -10.58 -12.94 2.22
CA GLY A 231 -10.57 -11.49 2.25
C GLY A 231 -9.35 -10.89 1.53
N VAL A 232 -8.17 -11.54 1.67
CA VAL A 232 -6.97 -11.14 0.89
C VAL A 232 -7.21 -11.37 -0.58
N LEU A 233 -7.84 -12.47 -0.88
CA LEU A 233 -8.20 -12.75 -2.25
C LEU A 233 -9.13 -11.67 -2.81
N LEU A 234 -10.15 -11.25 -2.06
CA LEU A 234 -11.03 -10.18 -2.51
C LEU A 234 -10.23 -8.92 -2.87
N TRP A 235 -9.30 -8.56 -2.01
CA TRP A 235 -8.43 -7.44 -2.21
C TRP A 235 -7.58 -7.60 -3.45
N GLU A 236 -7.08 -8.82 -3.72
CA GLU A 236 -6.43 -9.12 -5.01
C GLU A 236 -7.33 -8.91 -6.18
N ILE A 237 -8.54 -9.39 -6.09
CA ILE A 237 -9.50 -9.16 -7.21
C ILE A 237 -9.71 -7.66 -7.48
N PHE A 238 -9.98 -6.88 -6.43
CA PHE A 238 -10.37 -5.50 -6.66
C PHE A 238 -9.20 -4.57 -6.95
N THR A 239 -7.97 -5.03 -6.68
CA THR A 239 -6.76 -4.35 -7.17
C THR A 239 -6.30 -4.90 -8.48
N LEU A 240 -7.10 -5.74 -9.13
CA LEU A 240 -6.75 -6.33 -10.40
C LEU A 240 -5.40 -7.05 -10.39
N GLY A 241 -5.21 -7.86 -9.37
CA GLY A 241 -4.03 -8.67 -9.25
C GLY A 241 -2.91 -7.95 -8.50
N GLY A 242 -3.26 -7.06 -7.58
CA GLY A 242 -2.28 -6.40 -6.75
C GLY A 242 -1.59 -7.37 -5.81
N SER A 243 -0.42 -6.93 -5.38
CA SER A 243 0.45 -7.71 -4.52
C SER A 243 0.27 -7.17 -3.09
N PRO A 244 -0.12 -8.04 -2.14
CA PRO A 244 -0.35 -7.50 -0.80
C PRO A 244 0.94 -7.16 -0.07
N TYR A 245 0.94 -6.06 0.69
CA TYR A 245 2.10 -5.66 1.45
C TYR A 245 3.42 -5.70 0.63
N PRO A 246 3.49 -4.95 -0.47
CA PRO A 246 4.73 -4.95 -1.26
C PRO A 246 5.91 -4.37 -0.46
N GLY A 247 7.02 -5.10 -0.41
CA GLY A 247 8.24 -4.63 0.22
C GLY A 247 8.26 -4.93 1.70
N VAL A 248 7.27 -5.69 2.19
CA VAL A 248 7.20 -6.01 3.62
C VAL A 248 7.77 -7.39 3.83
N PRO A 249 8.89 -7.48 4.56
CA PRO A 249 9.42 -8.82 4.87
C PRO A 249 8.66 -9.48 6.00
N VAL A 250 8.88 -10.77 6.20
CA VAL A 250 8.13 -11.55 7.21
C VAL A 250 8.06 -10.95 8.63
N GLU A 251 9.21 -10.54 9.14
CA GLU A 251 9.27 -10.04 10.50
C GLU A 251 8.45 -8.76 10.67
N GLU A 252 8.39 -7.90 9.64
CA GLU A 252 7.60 -6.70 9.68
C GLU A 252 6.11 -7.01 9.53
N LEU A 253 5.81 -8.00 8.75
CA LEU A 253 4.42 -8.44 8.64
C LEU A 253 3.88 -8.88 10.02
N PHE A 254 4.66 -9.69 10.75
CA PHE A 254 4.22 -10.13 12.09
C PHE A 254 3.89 -8.96 12.95
N LYS A 255 4.72 -7.95 12.87
CA LYS A 255 4.50 -6.74 13.68
C LYS A 255 3.21 -6.03 13.24
N LEU A 256 2.99 -5.88 11.93
CA LEU A 256 1.74 -5.29 11.44
C LEU A 256 0.51 -6.03 11.97
N LEU A 257 0.55 -7.33 11.95
CA LEU A 257 -0.60 -8.10 12.43
C LEU A 257 -0.77 -7.95 13.95
N LYS A 258 0.32 -8.03 14.71
CA LYS A 258 0.25 -7.80 16.13
C LYS A 258 -0.31 -6.40 16.44
N GLU A 259 -0.03 -5.38 15.63
CA GLU A 259 -0.64 -4.07 15.83
C GLU A 259 -2.09 -3.95 15.35
N GLY A 260 -2.65 -4.98 14.75
CA GLY A 260 -4.03 -4.85 14.21
C GLY A 260 -4.15 -4.08 12.93
N HIS A 261 -3.06 -3.97 12.20
CA HIS A 261 -3.04 -3.27 10.90
C HIS A 261 -3.89 -4.02 9.86
N ARG A 262 -4.55 -3.28 9.00
CA ARG A 262 -5.38 -3.81 7.97
C ARG A 262 -5.10 -2.99 6.68
N MET A 263 -5.13 -3.66 5.54
CA MET A 263 -4.88 -3.04 4.25
C MET A 263 -5.94 -2.01 3.95
N ASP A 264 -5.50 -0.96 3.25
CA ASP A 264 -6.38 0.10 2.77
C ASP A 264 -7.40 -0.37 1.74
N LYS A 265 -8.54 0.31 1.69
CA LYS A 265 -9.51 0.08 0.66
C LYS A 265 -8.96 0.38 -0.72
N PRO A 266 -9.04 -0.57 -1.62
CA PRO A 266 -8.63 -0.28 -3.01
C PRO A 266 -9.55 0.71 -3.70
N SER A 267 -9.07 1.44 -4.71
CA SER A 267 -9.92 2.38 -5.43
C SER A 267 -10.88 1.53 -6.27
N ASN A 268 -12.02 2.04 -6.68
CA ASN A 268 -12.91 1.11 -7.43
C ASN A 268 -13.23 -0.20 -6.61
N CYS A 269 -13.62 0.04 -5.38
CA CYS A 269 -14.14 -0.94 -4.50
C CYS A 269 -15.17 -0.17 -3.70
N THR A 270 -16.36 -0.71 -3.57
CA THR A 270 -17.43 -0.07 -2.78
C THR A 270 -17.13 -0.19 -1.32
N ASN A 271 -17.73 0.72 -0.52
CA ASN A 271 -17.59 0.60 0.91
C ASN A 271 -18.11 -0.74 1.43
N GLU A 272 -19.11 -1.27 0.77
CA GLU A 272 -19.73 -2.54 1.18
C GLU A 272 -18.77 -3.76 0.98
N LEU A 273 -18.10 -3.81 -0.17
CA LEU A 273 -17.08 -4.83 -0.44
C LEU A 273 -15.87 -4.64 0.45
N TYR A 274 -15.56 -3.41 0.84
CA TYR A 274 -14.45 -3.20 1.75
C TYR A 274 -14.82 -3.69 3.15
N MET A 275 -16.06 -3.44 3.52
CA MET A 275 -16.58 -3.96 4.80
C MET A 275 -16.51 -5.52 4.84
N MET A 276 -16.82 -6.14 3.73
CA MET A 276 -16.77 -7.60 3.62
C MET A 276 -15.35 -8.07 3.83
N MET A 277 -14.40 -7.37 3.19
CA MET A 277 -13.00 -7.67 3.42
C MET A 277 -12.63 -7.56 4.84
N ARG A 278 -12.97 -6.44 5.43
CA ARG A 278 -12.58 -6.19 6.80
C ARG A 278 -13.23 -7.19 7.74
N ASP A 279 -14.44 -7.61 7.43
CA ASP A 279 -15.11 -8.63 8.25
C ASP A 279 -14.47 -10.00 8.15
N CYS A 280 -14.05 -10.38 6.94
CA CYS A 280 -13.15 -11.51 6.77
C CYS A 280 -11.85 -11.40 7.59
N TRP A 281 -11.35 -10.20 7.79
CA TRP A 281 -10.16 -9.97 8.61
C TRP A 281 -10.46 -9.65 10.08
N HIS A 282 -11.63 -10.06 10.60
CA HIS A 282 -11.87 -9.96 12.07
C HIS A 282 -10.77 -10.64 12.84
N ALA A 283 -10.25 -9.97 13.88
CA ALA A 283 -9.23 -10.57 14.73
C ALA A 283 -9.72 -11.87 15.42
N VAL A 284 -11.01 -11.89 15.72
CA VAL A 284 -11.65 -13.02 16.36
C VAL A 284 -12.32 -13.94 15.35
N PRO A 285 -11.79 -15.17 15.23
CA PRO A 285 -12.23 -16.06 14.15
C PRO A 285 -13.70 -16.39 14.12
N SER A 286 -14.29 -16.56 15.33
CA SER A 286 -15.74 -16.80 15.45
C SER A 286 -16.59 -15.68 14.90
N GLN A 287 -16.04 -14.48 14.82
CA GLN A 287 -16.81 -13.31 14.32
C GLN A 287 -16.71 -13.05 12.85
N ARG A 288 -15.87 -13.80 12.12
CA ARG A 288 -15.80 -13.64 10.68
C ARG A 288 -17.05 -14.22 10.05
N PRO A 289 -17.51 -13.68 8.89
CA PRO A 289 -18.52 -14.45 8.20
C PRO A 289 -18.07 -15.86 7.77
N THR A 290 -19.06 -16.72 7.50
CA THR A 290 -18.78 -18.07 6.94
C THR A 290 -18.80 -17.96 5.43
N PHE A 291 -18.40 -19.02 4.75
CA PHE A 291 -18.50 -19.07 3.30
C PHE A 291 -19.95 -19.08 2.82
N LYS A 292 -20.84 -19.69 3.59
CA LYS A 292 -22.23 -19.70 3.20
C LYS A 292 -22.80 -18.29 3.24
N GLN A 293 -22.46 -17.53 4.25
CA GLN A 293 -22.93 -16.18 4.25
C GLN A 293 -22.27 -15.32 3.16
N LEU A 294 -20.97 -15.52 2.92
CA LEU A 294 -20.29 -14.77 1.82
C LEU A 294 -20.93 -15.10 0.50
N VAL A 295 -21.27 -16.37 0.27
CA VAL A 295 -21.99 -16.70 -0.97
C VAL A 295 -23.31 -15.94 -1.14
N GLU A 296 -24.14 -15.90 -0.09
CA GLU A 296 -25.44 -15.20 -0.17
C GLU A 296 -25.25 -13.71 -0.38
N ASP A 297 -24.36 -13.09 0.38
CA ASP A 297 -24.08 -11.67 0.27
C ASP A 297 -23.57 -11.31 -1.11
N LEU A 298 -22.65 -12.11 -1.64
CA LEU A 298 -22.05 -11.83 -2.93
C LEU A 298 -23.08 -12.04 -4.02
N ASP A 299 -23.91 -13.06 -3.86
CA ASP A 299 -25.04 -13.26 -4.79
C ASP A 299 -25.93 -11.99 -4.85
N ARG A 300 -26.30 -11.44 -3.71
CA ARG A 300 -27.10 -10.21 -3.69
C ARG A 300 -26.34 -9.03 -4.37
N ILE A 301 -25.06 -8.88 -4.04
CA ILE A 301 -24.24 -7.76 -4.57
C ILE A 301 -24.06 -7.87 -6.08
N VAL A 302 -23.81 -9.07 -6.57
CA VAL A 302 -23.68 -9.29 -8.00
C VAL A 302 -24.89 -8.71 -8.74
N ALA A 303 -26.07 -9.15 -8.33
CA ALA A 303 -27.35 -8.73 -8.93
C ALA A 303 -27.54 -7.21 -8.99
N LEU A 304 -27.10 -6.50 -7.95
CA LEU A 304 -27.12 -5.05 -7.90
C LEU A 304 -25.88 -4.31 -8.47
N THR A 305 -24.87 -5.00 -8.97
CA THR A 305 -23.65 -4.30 -9.34
C THR A 305 -23.79 -4.01 -10.84
N SER A 306 -23.49 -2.77 -11.22
CA SER A 306 -23.46 -2.36 -12.64
C SER A 306 -22.43 -3.10 -13.55
N ASN A 307 -22.90 -3.61 -14.68
CA ASN A 307 -22.00 -3.97 -15.77
C ASN A 307 -21.77 -2.85 -16.81
N GLN A 308 -22.14 -1.60 -16.53
CA GLN A 308 -21.98 -0.48 -17.50
C GLN A 308 -20.62 0.21 -17.39
N GLU A 309 -19.90 -0.05 -16.30
CA GLU A 309 -18.49 0.38 -16.12
C GLU A 309 -17.59 -0.76 -15.60
N VAL B 4 33.06 34.81 18.13
CA VAL B 4 32.19 35.54 17.16
C VAL B 4 30.97 35.99 18.02
N SER B 5 29.77 35.53 17.65
CA SER B 5 28.60 35.34 18.55
C SER B 5 28.79 34.50 19.89
N GLU B 6 29.99 33.99 20.11
CA GLU B 6 30.45 33.36 21.40
C GLU B 6 30.22 34.22 22.64
N TYR B 7 30.48 35.53 22.48
CA TYR B 7 30.37 36.50 23.55
C TYR B 7 29.29 37.49 23.32
N GLU B 8 29.06 37.88 22.07
CA GLU B 8 27.86 38.62 21.77
C GLU B 8 27.46 38.50 20.29
N LEU B 9 26.18 38.65 20.04
CA LEU B 9 25.65 38.55 18.71
C LEU B 9 25.51 39.94 18.10
N PRO B 10 25.69 40.01 16.76
CA PRO B 10 25.35 41.24 16.06
C PRO B 10 23.91 41.64 16.23
N GLU B 11 23.68 42.93 16.11
CA GLU B 11 22.40 43.51 16.44
C GLU B 11 21.60 43.73 15.14
N ASP B 12 20.26 43.58 15.20
CA ASP B 12 19.31 43.94 14.09
C ASP B 12 18.04 44.59 14.68
N PRO B 13 18.03 45.93 14.80
CA PRO B 13 16.95 46.65 15.45
C PRO B 13 15.55 46.45 14.91
N ARG B 14 15.45 46.19 13.63
CA ARG B 14 14.16 45.98 12.97
C ARG B 14 13.42 44.76 13.52
N TRP B 15 14.18 43.73 13.90
CA TRP B 15 13.63 42.46 14.37
C TRP B 15 13.64 42.33 15.89
N GLU B 16 14.39 43.19 16.60
CA GLU B 16 14.59 43.01 18.03
C GLU B 16 13.37 43.25 18.86
N LEU B 17 13.11 42.32 19.78
CA LEU B 17 12.04 42.47 20.73
C LEU B 17 12.68 42.44 22.14
N PRO B 18 12.36 43.44 22.98
CA PRO B 18 12.82 43.49 24.38
C PRO B 18 12.33 42.31 25.15
N ARG B 19 13.20 41.72 25.97
CA ARG B 19 12.92 40.48 26.67
C ARG B 19 11.75 40.62 27.59
N ASP B 20 11.60 41.84 28.12
CA ASP B 20 10.47 42.12 28.97
C ASP B 20 9.14 42.07 28.22
N ARG B 21 9.15 42.01 26.89
CA ARG B 21 7.93 41.87 26.09
C ARG B 21 7.60 40.44 25.68
N LEU B 22 8.32 39.47 26.23
CA LEU B 22 8.12 38.07 25.91
C LEU B 22 7.94 37.26 27.17
N VAL B 23 6.78 36.62 27.31
CA VAL B 23 6.46 35.76 28.41
C VAL B 23 6.48 34.31 27.94
N LEU B 24 7.52 33.59 28.35
CA LEU B 24 7.69 32.19 27.98
C LEU B 24 6.66 31.34 28.67
N GLY B 25 6.26 30.23 28.02
CA GLY B 25 5.22 29.32 28.50
C GLY B 25 5.65 27.87 28.38
N LYS B 26 4.70 26.98 28.16
CA LYS B 26 5.01 25.56 28.18
C LYS B 26 5.87 25.10 26.98
N PRO B 27 6.76 24.12 27.20
CA PRO B 27 7.50 23.51 26.08
C PRO B 27 6.61 22.89 25.01
N LEU B 28 7.02 22.95 23.75
CA LEU B 28 6.33 22.27 22.66
C LEU B 28 7.10 21.06 22.13
N GLY B 29 8.42 21.09 22.16
CA GLY B 29 9.17 20.04 21.52
C GLY B 29 10.65 20.30 21.46
N GLU B 30 11.42 19.27 21.24
CA GLU B 30 12.83 19.44 21.18
C GLU B 30 13.45 18.46 20.26
N GLY B 31 14.50 18.91 19.60
CA GLY B 31 15.27 18.12 18.69
C GLY B 31 16.56 17.89 19.44
N ALA B 32 17.62 17.57 18.71
CA ALA B 32 18.89 17.33 19.36
C ALA B 32 19.34 18.44 20.32
N PHE B 33 19.73 19.60 19.79
CA PHE B 33 20.20 20.68 20.65
C PHE B 33 19.36 21.97 20.63
N GLY B 34 18.11 21.87 20.21
CA GLY B 34 17.18 22.99 20.15
C GLY B 34 15.85 22.57 20.71
N GLN B 35 15.08 23.59 21.04
CA GLN B 35 13.84 23.38 21.73
C GLN B 35 12.94 24.55 21.49
N VAL B 36 11.66 24.27 21.46
CA VAL B 36 10.72 25.29 21.24
C VAL B 36 9.67 25.33 22.31
N VAL B 37 9.23 26.56 22.62
CA VAL B 37 8.33 26.85 23.71
C VAL B 37 7.25 27.81 23.21
N LEU B 38 6.04 27.59 23.67
CA LEU B 38 4.93 28.49 23.48
C LEU B 38 5.21 29.76 24.27
N ALA B 39 4.73 30.90 23.79
CA ALA B 39 4.92 32.16 24.49
C ALA B 39 3.94 33.16 24.08
N GLU B 40 3.94 34.26 24.83
CA GLU B 40 3.12 35.43 24.56
C GLU B 40 4.01 36.61 24.38
N ALA B 41 3.80 37.31 23.26
CA ALA B 41 4.61 38.47 22.94
C ALA B 41 3.70 39.69 22.93
N ILE B 42 4.19 40.79 23.50
CA ILE B 42 3.44 42.02 23.62
C ILE B 42 4.09 43.04 22.70
N GLY B 43 3.27 43.67 21.86
CA GLY B 43 3.73 44.74 20.96
C GLY B 43 4.68 44.40 19.83
N LEU B 44 4.36 43.32 19.11
CA LEU B 44 5.15 42.91 17.95
C LEU B 44 4.96 43.91 16.80
N ASP B 45 3.70 44.34 16.61
CA ASP B 45 3.34 45.45 15.69
C ASP B 45 3.48 46.78 16.44
N LYS B 46 4.36 47.66 15.95
CA LYS B 46 4.48 49.05 16.48
C LYS B 46 3.09 49.71 16.55
N ASP B 47 2.28 49.46 15.51
CA ASP B 47 0.90 49.94 15.47
C ASP B 47 0.03 49.55 16.70
N LYS B 48 0.12 48.29 17.16
CA LYS B 48 -0.58 47.80 18.39
C LYS B 48 0.40 47.32 19.53
N PRO B 49 0.97 48.25 20.35
CA PRO B 49 2.03 47.91 21.34
C PRO B 49 1.58 47.24 22.64
N ASN B 50 0.28 47.07 22.84
CA ASN B 50 -0.27 46.29 23.97
C ASN B 50 -1.13 45.10 23.57
N ARG B 51 -1.19 44.77 22.28
CA ARG B 51 -1.79 43.51 21.83
C ARG B 51 -0.79 42.39 22.22
N VAL B 52 -1.27 41.33 22.89
CA VAL B 52 -0.52 40.09 23.11
C VAL B 52 -0.82 39.08 21.99
N THR B 53 0.24 38.53 21.38
CA THR B 53 0.15 37.52 20.32
C THR B 53 0.76 36.23 20.87
N LYS B 54 0.01 35.13 20.81
CA LYS B 54 0.57 33.78 21.08
C LYS B 54 1.54 33.44 19.96
N VAL B 55 2.72 32.95 20.30
CA VAL B 55 3.80 32.71 19.33
C VAL B 55 4.53 31.48 19.72
N ALA B 56 5.38 30.98 18.82
CA ALA B 56 6.30 29.89 19.15
C ALA B 56 7.68 30.45 19.15
N VAL B 57 8.52 29.91 20.04
CA VAL B 57 9.88 30.41 20.22
C VAL B 57 10.90 29.31 20.24
N LYS B 58 11.91 29.44 19.37
CA LYS B 58 13.03 28.51 19.33
C LYS B 58 14.27 29.07 20.06
N MET B 59 14.94 28.20 20.82
CA MET B 59 16.15 28.55 21.55
C MET B 59 17.01 27.30 21.61
N LEU B 60 18.26 27.46 22.05
CA LEU B 60 19.14 26.33 22.21
C LEU B 60 18.77 25.59 23.48
N LYS B 61 19.11 24.34 23.50
CA LYS B 61 19.13 23.59 24.76
C LYS B 61 20.43 23.93 25.52
N SER B 62 20.45 23.63 26.83
CA SER B 62 21.65 23.88 27.70
C SER B 62 22.89 23.12 27.37
N ASP B 63 22.76 22.07 26.54
CA ASP B 63 23.91 21.30 26.12
C ASP B 63 24.35 21.68 24.74
N ALA B 64 23.86 22.78 24.21
CA ALA B 64 24.25 23.22 22.85
C ALA B 64 25.65 23.76 22.82
N THR B 65 26.25 23.68 21.65
CA THR B 65 27.61 24.11 21.39
C THR B 65 27.61 25.31 20.48
N GLU B 66 28.80 25.79 20.17
CA GLU B 66 28.95 26.98 19.33
C GLU B 66 28.46 26.67 17.90
N LYS B 67 28.60 25.41 17.45
CA LYS B 67 28.07 25.04 16.18
C LYS B 67 26.55 25.16 16.15
N ASP B 68 25.86 24.69 17.20
CA ASP B 68 24.39 24.79 17.26
C ASP B 68 23.85 26.22 17.22
N LEU B 69 24.52 27.10 17.95
CA LEU B 69 24.24 28.51 17.85
C LEU B 69 24.36 29.05 16.43
N SER B 70 25.44 28.74 15.73
CA SER B 70 25.58 29.24 14.36
C SER B 70 24.48 28.68 13.43
N ASP B 71 24.02 27.46 13.68
CA ASP B 71 22.89 26.89 12.97
C ASP B 71 21.55 27.60 13.28
N LEU B 72 21.32 27.94 14.54
CA LEU B 72 20.10 28.65 14.87
C LEU B 72 20.11 30.08 14.26
N ILE B 73 21.26 30.72 14.26
CA ILE B 73 21.40 32.05 13.70
C ILE B 73 21.13 32.01 12.21
N SER B 74 21.70 31.02 11.55
CA SER B 74 21.44 30.77 10.13
C SER B 74 20.00 30.59 9.79
N GLU B 75 19.30 29.80 10.59
CA GLU B 75 17.89 29.56 10.38
C GLU B 75 17.10 30.90 10.45
N MET B 76 17.37 31.71 11.47
CA MET B 76 16.77 33.03 11.57
C MET B 76 17.09 33.92 10.36
N GLU B 77 18.36 33.93 9.96
CA GLU B 77 18.80 34.84 8.92
C GLU B 77 18.16 34.42 7.55
N MET B 78 18.09 33.12 7.31
CA MET B 78 17.40 32.57 6.16
C MET B 78 15.93 33.03 6.15
N MET B 79 15.27 32.94 7.29
CA MET B 79 13.87 33.36 7.35
C MET B 79 13.74 34.84 7.02
N LYS B 80 14.68 35.64 7.51
CA LYS B 80 14.67 37.10 7.12
C LYS B 80 14.81 37.31 5.62
N MET B 81 15.73 36.58 5.05
CA MET B 81 16.03 36.67 3.62
C MET B 81 14.81 36.19 2.78
N ILE B 82 14.08 35.19 3.25
CA ILE B 82 12.96 34.64 2.52
C ILE B 82 11.75 35.55 2.46
N GLY B 83 11.52 36.26 3.53
CA GLY B 83 10.39 37.20 3.59
C GLY B 83 9.12 36.46 3.91
N LYS B 84 8.04 37.23 3.91
CA LYS B 84 6.74 36.80 4.43
C LYS B 84 5.78 36.23 3.38
N HIS B 85 5.02 35.22 3.77
CA HIS B 85 4.03 34.65 2.86
C HIS B 85 3.00 33.99 3.70
N LYS B 86 1.76 34.10 3.25
CA LYS B 86 0.63 33.58 3.98
C LYS B 86 0.76 32.07 4.31
N ASN B 87 1.30 31.28 3.39
CA ASN B 87 1.39 29.85 3.54
C ASN B 87 2.76 29.29 3.99
N ILE B 88 3.51 30.10 4.72
CA ILE B 88 4.69 29.59 5.45
C ILE B 88 4.62 30.15 6.85
N ILE B 89 5.33 29.48 7.76
CA ILE B 89 5.44 29.94 9.16
C ILE B 89 6.40 31.13 9.12
N ASN B 90 5.91 32.32 9.50
CA ASN B 90 6.72 33.55 9.42
C ASN B 90 7.50 33.92 10.73
N LEU B 91 8.68 34.51 10.54
CA LEU B 91 9.51 35.17 11.56
C LEU B 91 8.81 36.44 12.02
N LEU B 92 8.63 36.59 13.32
CA LEU B 92 7.97 37.76 13.89
C LEU B 92 8.91 38.61 14.72
N GLY B 93 10.02 38.04 15.18
CA GLY B 93 10.98 38.77 15.97
C GLY B 93 12.07 37.88 16.55
N ALA B 94 12.96 38.53 17.28
CA ALA B 94 14.04 37.83 17.98
C ALA B 94 14.51 38.63 19.23
N CYS B 95 14.99 37.89 20.23
CA CYS B 95 15.74 38.43 21.37
C CYS B 95 17.17 37.93 21.20
N THR B 96 18.08 38.79 20.78
CA THR B 96 19.46 38.42 20.45
C THR B 96 20.53 38.92 21.43
N GLN B 97 20.18 39.93 22.23
CA GLN B 97 21.15 40.69 23.03
C GLN B 97 20.99 40.35 24.50
N ASP B 98 22.10 40.37 25.25
CA ASP B 98 22.05 40.22 26.74
C ASP B 98 21.20 39.02 27.18
N GLY B 99 21.53 37.84 26.66
CA GLY B 99 20.80 36.62 26.99
C GLY B 99 20.77 35.63 25.87
N PRO B 100 20.14 34.45 26.12
CA PRO B 100 20.02 33.46 25.11
C PRO B 100 19.22 33.96 23.86
N LEU B 101 19.65 33.49 22.70
CA LEU B 101 18.95 33.72 21.45
C LEU B 101 17.58 33.10 21.45
N TYR B 102 16.55 33.94 21.27
CA TYR B 102 15.21 33.46 21.09
C TYR B 102 14.73 33.89 19.69
N VAL B 103 14.26 32.92 18.89
CA VAL B 103 13.75 33.21 17.52
C VAL B 103 12.23 32.99 17.60
N ILE B 104 11.46 34.03 17.27
CA ILE B 104 10.02 34.09 17.52
C ILE B 104 9.25 34.00 16.20
N VAL B 105 8.35 33.04 16.10
CA VAL B 105 7.62 32.77 14.88
C VAL B 105 6.14 32.62 15.21
N GLU B 106 5.35 32.63 14.15
CA GLU B 106 3.92 32.41 14.22
C GLU B 106 3.59 31.10 14.87
N CYS B 107 2.48 31.10 15.58
CA CYS B 107 1.95 29.91 16.22
C CYS B 107 0.74 29.42 15.41
N ALA B 108 0.72 28.14 15.06
CA ALA B 108 -0.38 27.57 14.30
C ALA B 108 -1.13 26.69 15.26
N SER B 109 -2.36 27.07 15.58
CA SER B 109 -3.01 26.43 16.74
C SER B 109 -3.59 25.05 16.48
N LYS B 110 -3.83 24.67 15.24
CA LYS B 110 -4.42 23.35 14.98
C LYS B 110 -3.42 22.24 14.66
N GLY B 111 -2.14 22.48 14.95
CA GLY B 111 -1.14 21.42 14.88
C GLY B 111 -0.70 21.11 13.45
N ASN B 112 -0.18 19.91 13.24
CA ASN B 112 0.30 19.54 11.92
C ASN B 112 -0.77 18.89 11.07
N LEU B 113 -0.53 18.86 9.79
CA LEU B 113 -1.57 18.47 8.84
C LEU B 113 -1.91 16.99 8.95
N ARG B 114 -0.91 16.16 9.23
CA ARG B 114 -1.14 14.72 9.38
C ARG B 114 -2.21 14.54 10.49
N GLU B 115 -1.95 15.13 11.65
CA GLU B 115 -2.93 15.06 12.78
C GLU B 115 -4.27 15.71 12.46
N TYR B 116 -4.22 16.85 11.78
CA TYR B 116 -5.42 17.55 11.41
C TYR B 116 -6.32 16.71 10.53
N LEU B 117 -5.73 15.95 9.60
CA LEU B 117 -6.49 15.07 8.74
C LEU B 117 -6.98 13.83 9.50
N GLN B 118 -6.12 13.23 10.31
CA GLN B 118 -6.48 12.03 11.09
C GLN B 118 -7.64 12.25 12.01
N ALA B 119 -7.68 13.44 12.64
CA ALA B 119 -8.76 13.82 13.58
C ALA B 119 -10.07 14.07 12.91
N ARG B 120 -10.05 14.29 11.59
CA ARG B 120 -11.25 14.62 10.84
C ARG B 120 -11.70 13.51 9.90
N ARG B 121 -11.23 12.30 10.15
CA ARG B 121 -11.64 11.13 9.34
C ARG B 121 -13.11 10.79 9.70
N PRO B 122 -14.01 10.55 8.69
CA PRO B 122 -15.39 10.29 9.05
C PRO B 122 -15.65 8.88 9.66
N PRO B 123 -16.78 8.73 10.40
CA PRO B 123 -17.02 7.50 11.18
C PRO B 123 -16.74 6.25 10.33
N GLY B 124 -15.78 5.46 10.80
CA GLY B 124 -15.04 4.51 9.96
C GLY B 124 -13.63 4.24 10.47
N GLU B 136 -15.84 15.65 16.08
CA GLU B 136 -14.96 16.50 15.26
C GLU B 136 -15.65 16.96 13.94
N GLU B 137 -14.94 17.74 13.08
CA GLU B 137 -15.54 18.46 11.92
C GLU B 137 -15.04 18.12 10.46
N GLN B 138 -15.84 17.34 9.72
CA GLN B 138 -15.46 16.82 8.39
C GLN B 138 -14.96 17.77 7.32
N LEU B 139 -14.13 17.22 6.43
CA LEU B 139 -13.56 17.94 5.31
C LEU B 139 -14.22 17.44 4.06
N SER B 140 -14.61 18.38 3.20
CA SER B 140 -15.16 18.04 1.89
C SER B 140 -14.01 17.73 0.94
N SER B 141 -14.35 17.21 -0.24
CA SER B 141 -13.41 17.05 -1.30
C SER B 141 -12.68 18.37 -1.65
N LYS B 142 -13.43 19.46 -1.67
CA LYS B 142 -12.87 20.74 -1.98
C LYS B 142 -11.85 21.17 -0.90
N ASP B 143 -12.16 20.92 0.37
CA ASP B 143 -11.24 21.26 1.49
C ASP B 143 -9.91 20.54 1.29
N LEU B 144 -9.96 19.29 0.80
CA LEU B 144 -8.76 18.51 0.61
C LEU B 144 -7.92 19.05 -0.55
N VAL B 145 -8.59 19.43 -1.62
CA VAL B 145 -7.88 19.98 -2.74
C VAL B 145 -7.32 21.33 -2.37
N SER B 146 -8.10 22.08 -1.64
CA SER B 146 -7.67 23.37 -1.15
C SER B 146 -6.44 23.28 -0.17
N CYS B 147 -6.34 22.28 0.70
CA CYS B 147 -5.10 22.05 1.46
C CYS B 147 -3.94 21.94 0.52
N ALA B 148 -4.09 21.11 -0.53
CA ALA B 148 -3.00 20.84 -1.50
C ALA B 148 -2.54 22.12 -2.22
N TYR B 149 -3.52 22.88 -2.74
CA TYR B 149 -3.30 24.15 -3.37
C TYR B 149 -2.45 25.10 -2.44
N GLN B 150 -2.90 25.25 -1.21
CA GLN B 150 -2.24 26.17 -0.24
C GLN B 150 -0.77 25.75 0.02
N VAL B 151 -0.54 24.44 0.15
CA VAL B 151 0.84 23.95 0.26
C VAL B 151 1.66 24.22 -0.94
N ALA B 152 1.10 23.92 -2.11
CA ALA B 152 1.80 24.22 -3.36
C ALA B 152 2.15 25.71 -3.48
N ARG B 153 1.26 26.58 -3.05
CA ARG B 153 1.47 28.03 -3.16
C ARG B 153 2.58 28.46 -2.21
N GLY B 154 2.59 27.88 -1.02
CA GLY B 154 3.70 28.09 -0.11
C GLY B 154 5.02 27.64 -0.69
N MET B 155 5.00 26.47 -1.30
CA MET B 155 6.23 25.92 -1.91
C MET B 155 6.69 26.74 -3.12
N GLU B 156 5.73 27.22 -3.90
CA GLU B 156 6.08 28.06 -5.04
C GLU B 156 6.82 29.31 -4.53
N TYR B 157 6.32 29.89 -3.45
CA TYR B 157 6.95 31.09 -2.84
C TYR B 157 8.36 30.81 -2.36
N LEU B 158 8.52 29.76 -1.58
CA LEU B 158 9.82 29.30 -1.16
C LEU B 158 10.76 29.05 -2.31
N ALA B 159 10.27 28.35 -3.35
CA ALA B 159 11.12 28.06 -4.50
C ALA B 159 11.60 29.35 -5.19
N SER B 160 10.76 30.39 -5.23
CA SER B 160 11.15 31.63 -5.89
C SER B 160 12.17 32.39 -4.99
N LYS B 161 12.29 32.02 -3.73
CA LYS B 161 13.34 32.58 -2.90
C LYS B 161 14.49 31.63 -2.77
N LYS B 162 14.60 30.66 -3.67
CA LYS B 162 15.76 29.79 -3.72
C LYS B 162 15.85 28.82 -2.56
N CYS B 163 14.74 28.61 -1.87
CA CYS B 163 14.73 27.72 -0.70
C CYS B 163 14.29 26.30 -1.18
N ILE B 164 15.13 25.31 -0.90
CA ILE B 164 14.83 23.92 -1.10
C ILE B 164 14.51 23.35 0.28
N HIS B 165 13.34 22.71 0.42
CA HIS B 165 12.89 22.22 1.69
C HIS B 165 13.61 20.97 2.15
N ARG B 166 13.68 19.97 1.29
CA ARG B 166 14.34 18.68 1.54
C ARG B 166 13.66 17.74 2.53
N ASP B 167 12.53 18.12 3.14
CA ASP B 167 11.66 17.18 3.94
C ASP B 167 10.18 17.60 3.93
N LEU B 168 9.65 17.85 2.73
CA LEU B 168 8.25 18.23 2.64
C LEU B 168 7.40 16.99 2.94
N ALA B 169 6.49 17.11 3.90
CA ALA B 169 5.61 16.01 4.33
C ALA B 169 4.55 16.67 5.15
N ALA B 170 3.43 15.97 5.36
CA ALA B 170 2.33 16.56 6.11
C ALA B 170 2.78 16.93 7.53
N ARG B 171 3.64 16.14 8.14
CA ARG B 171 4.19 16.50 9.48
C ARG B 171 4.83 17.87 9.51
N ASN B 172 5.31 18.37 8.35
CA ASN B 172 5.92 19.69 8.27
C ASN B 172 5.04 20.77 7.65
N VAL B 173 3.74 20.55 7.65
CA VAL B 173 2.81 21.59 7.32
C VAL B 173 2.01 21.82 8.57
N LEU B 174 1.81 23.08 8.95
CA LEU B 174 1.03 23.41 10.13
C LEU B 174 -0.24 24.12 9.73
N VAL B 175 -1.24 24.05 10.62
CA VAL B 175 -2.60 24.58 10.30
C VAL B 175 -2.98 25.63 11.35
N THR B 176 -3.37 26.82 10.89
CA THR B 176 -3.77 27.89 11.81
C THR B 176 -5.21 27.69 12.27
N GLU B 177 -5.62 28.54 13.21
CA GLU B 177 -7.02 28.61 13.69
C GLU B 177 -8.05 28.83 12.57
N ASP B 178 -7.65 29.54 11.51
CA ASP B 178 -8.50 29.76 10.34
C ASP B 178 -8.31 28.72 9.25
N ASN B 179 -7.68 27.58 9.58
CA ASN B 179 -7.44 26.53 8.60
C ASN B 179 -6.54 26.89 7.41
N VAL B 180 -5.61 27.81 7.62
CA VAL B 180 -4.61 28.14 6.63
C VAL B 180 -3.42 27.17 6.78
N MET B 181 -2.89 26.67 5.67
CA MET B 181 -1.76 25.75 5.66
C MET B 181 -0.47 26.57 5.65
N LYS B 182 0.46 26.23 6.54
CA LYS B 182 1.74 26.94 6.63
C LYS B 182 2.86 25.94 6.68
N ILE B 183 3.75 26.05 5.72
CA ILE B 183 4.90 25.19 5.64
C ILE B 183 5.83 25.50 6.81
N ALA B 184 6.35 24.47 7.44
CA ALA B 184 7.24 24.62 8.59
C ALA B 184 8.60 24.05 8.23
N ASP B 185 9.60 24.48 8.98
CA ASP B 185 10.96 23.86 9.00
C ASP B 185 11.60 23.91 7.66
N PHE B 186 11.42 25.03 7.01
CA PHE B 186 12.02 25.30 5.73
C PHE B 186 13.40 25.93 5.86
N GLY B 187 13.66 26.67 6.93
CA GLY B 187 14.94 27.40 7.08
C GLY B 187 16.17 26.57 7.43
N LEU B 188 15.97 25.31 7.77
CA LEU B 188 17.03 24.43 8.23
C LEU B 188 18.01 23.85 7.27
N ALA B 189 19.07 23.34 7.89
CA ALA B 189 20.20 22.66 7.26
C ALA B 189 20.05 21.18 7.53
N ARG B 190 20.38 20.36 6.53
CA ARG B 190 20.25 18.91 6.68
C ARG B 190 21.57 18.20 7.00
N ASP B 191 22.62 18.54 6.26
CA ASP B 191 23.93 17.92 6.47
C ASP B 191 23.92 16.51 5.88
N ILE B 192 23.85 16.44 4.56
CA ILE B 192 23.82 15.16 3.86
C ILE B 192 25.23 14.70 3.50
N HIS B 193 25.77 13.77 4.27
CA HIS B 193 27.10 13.25 4.03
C HIS B 193 27.57 12.35 5.18
N HIS B 194 26.74 11.39 5.59
CA HIS B 194 25.43 11.16 4.99
C HIS B 194 24.31 11.34 6.01
N ILE B 195 23.09 10.99 5.62
CA ILE B 195 21.94 11.12 6.50
C ILE B 195 21.46 9.75 6.98
N ASP B 196 21.17 9.66 8.27
CA ASP B 196 20.72 8.41 8.86
C ASP B 196 19.40 7.97 8.25
N TYR B 197 19.48 7.25 7.15
CA TYR B 197 18.27 6.77 6.51
C TYR B 197 17.39 5.93 7.41
N TYR B 198 17.89 5.51 8.56
CA TYR B 198 17.11 4.68 9.46
C TYR B 198 16.46 5.40 10.61
N LYS B 199 16.70 6.67 10.74
CA LYS B 199 16.12 7.47 11.84
C LYS B 199 14.64 7.67 11.60
N LYS B 200 13.84 7.43 12.64
CA LYS B 200 12.40 7.62 12.56
C LYS B 200 11.94 8.94 13.15
N THR B 201 10.73 9.34 12.74
CA THR B 201 10.05 10.49 13.29
C THR B 201 9.47 10.07 14.67
N THR B 202 9.10 11.06 15.50
CA THR B 202 8.29 10.87 16.75
C THR B 202 7.20 9.82 16.61
N ASN B 203 6.45 9.95 15.53
CA ASN B 203 5.33 9.10 15.23
C ASN B 203 5.74 7.73 14.61
N GLY B 204 7.05 7.45 14.52
CA GLY B 204 7.57 6.15 14.05
C GLY B 204 7.65 5.85 12.54
N ARG B 205 7.73 6.88 11.70
CA ARG B 205 7.80 6.64 10.25
C ARG B 205 9.16 7.07 9.73
N LEU B 206 9.52 6.54 8.56
CA LEU B 206 10.80 6.80 7.95
C LEU B 206 10.78 7.93 6.90
N PRO B 207 11.44 9.05 7.15
CA PRO B 207 11.46 10.15 6.15
C PRO B 207 11.98 9.83 4.76
N VAL B 208 12.83 8.80 4.62
CA VAL B 208 13.24 8.38 3.29
C VAL B 208 12.05 8.10 2.39
N LYS B 209 10.87 7.81 2.94
CA LYS B 209 9.69 7.47 2.09
C LYS B 209 9.12 8.63 1.34
N TRP B 210 9.60 9.84 1.64
CA TRP B 210 9.21 11.08 0.93
C TRP B 210 10.27 11.61 -0.02
N MET B 211 11.40 10.96 -0.05
CA MET B 211 12.58 11.46 -0.81
C MET B 211 12.57 10.98 -2.26
N ALA B 212 12.82 11.91 -3.16
CA ALA B 212 13.00 11.60 -4.55
C ALA B 212 14.17 10.64 -4.74
N PRO B 213 14.07 9.76 -5.74
CA PRO B 213 15.20 8.78 -5.94
C PRO B 213 16.57 9.45 -6.23
N GLU B 214 16.61 10.56 -6.96
CA GLU B 214 17.92 11.23 -7.20
C GLU B 214 18.52 11.83 -5.93
N ALA B 215 17.69 12.18 -4.96
CA ALA B 215 18.17 12.60 -3.66
C ALA B 215 18.62 11.44 -2.81
N LEU B 216 17.85 10.36 -2.87
CA LEU B 216 18.12 9.18 -2.09
C LEU B 216 19.39 8.45 -2.63
N PHE B 217 19.51 8.30 -3.95
CA PHE B 217 20.64 7.58 -4.58
C PHE B 217 21.84 8.43 -5.05
N ASP B 218 21.62 9.67 -5.47
CA ASP B 218 22.69 10.54 -5.94
C ASP B 218 22.87 11.82 -5.12
N ARG B 219 22.26 11.91 -3.95
CA ARG B 219 22.33 13.09 -3.08
C ARG B 219 21.99 14.46 -3.75
N ILE B 220 21.26 14.42 -4.87
CA ILE B 220 20.89 15.62 -5.64
C ILE B 220 19.54 16.13 -5.12
N TYR B 221 19.50 17.34 -4.60
CA TYR B 221 18.31 17.92 -4.02
C TYR B 221 18.03 19.18 -4.80
N THR B 222 16.82 19.30 -5.38
CA THR B 222 16.43 20.48 -6.17
C THR B 222 14.98 20.81 -5.84
N HIS B 223 14.47 21.87 -6.45
CA HIS B 223 13.07 22.15 -6.40
C HIS B 223 12.27 20.95 -6.95
N GLN B 224 12.82 20.25 -7.94
CA GLN B 224 12.15 19.07 -8.49
C GLN B 224 12.10 17.87 -7.58
N SER B 225 13.08 17.72 -6.72
CA SER B 225 13.04 16.65 -5.70
C SER B 225 11.98 16.96 -4.65
N ASP B 226 11.81 18.24 -4.35
CA ASP B 226 10.70 18.68 -3.50
C ASP B 226 9.34 18.41 -4.13
N VAL B 227 9.25 18.51 -5.45
CA VAL B 227 8.00 18.15 -6.20
C VAL B 227 7.63 16.69 -5.98
N TRP B 228 8.61 15.80 -6.05
CA TRP B 228 8.35 14.41 -5.71
C TRP B 228 7.74 14.25 -4.29
N SER B 229 8.33 14.92 -3.30
CA SER B 229 7.85 14.82 -1.95
C SER B 229 6.44 15.38 -1.88
N PHE B 230 6.16 16.44 -2.61
CA PHE B 230 4.83 17.01 -2.73
C PHE B 230 3.81 15.97 -3.17
N GLY B 231 4.21 15.08 -4.08
CA GLY B 231 3.34 13.99 -4.53
C GLY B 231 3.00 13.01 -3.39
N VAL B 232 3.98 12.73 -2.54
CA VAL B 232 3.74 11.87 -1.38
C VAL B 232 2.82 12.61 -0.42
N LEU B 233 3.06 13.90 -0.31
CA LEU B 233 2.19 14.73 0.49
C LEU B 233 0.74 14.68 -0.04
N LEU B 234 0.56 14.77 -1.36
CA LEU B 234 -0.80 14.64 -1.95
C LEU B 234 -1.49 13.35 -1.58
N TRP B 235 -0.75 12.27 -1.65
CA TRP B 235 -1.20 10.95 -1.21
C TRP B 235 -1.57 10.91 0.27
N GLU B 236 -0.78 11.58 1.15
CA GLU B 236 -1.17 11.74 2.52
C GLU B 236 -2.48 12.49 2.67
N ILE B 237 -2.63 13.58 1.93
CA ILE B 237 -3.86 14.34 2.04
C ILE B 237 -5.08 13.46 1.66
N PHE B 238 -5.01 12.76 0.53
CA PHE B 238 -6.16 12.02 0.00
C PHE B 238 -6.40 10.67 0.70
N THR B 239 -5.44 10.20 1.50
CA THR B 239 -5.68 9.13 2.42
C THR B 239 -6.06 9.63 3.85
N LEU B 240 -6.26 10.92 4.00
CA LEU B 240 -6.55 11.53 5.30
C LEU B 240 -5.53 11.12 6.38
N GLY B 241 -4.29 11.29 6.03
CA GLY B 241 -3.24 11.16 7.00
C GLY B 241 -2.69 9.75 6.99
N GLY B 242 -2.78 9.07 5.85
CA GLY B 242 -2.24 7.71 5.77
C GLY B 242 -0.68 7.70 5.85
N SER B 243 -0.17 6.52 6.09
CA SER B 243 1.24 6.26 6.29
C SER B 243 1.80 5.56 5.06
N PRO B 244 2.76 6.16 4.38
CA PRO B 244 3.23 5.51 3.16
C PRO B 244 4.06 4.28 3.42
N TYR B 245 3.89 3.25 2.59
CA TYR B 245 4.65 2.01 2.68
C TYR B 245 4.73 1.44 4.10
N PRO B 246 3.59 1.16 4.73
CA PRO B 246 3.61 0.63 6.10
C PRO B 246 4.32 -0.71 6.20
N GLY B 247 5.31 -0.80 7.09
CA GLY B 247 6.05 -2.04 7.34
C GLY B 247 7.21 -2.26 6.38
N VAL B 248 7.49 -1.30 5.52
CA VAL B 248 8.60 -1.42 4.55
C VAL B 248 9.86 -0.80 5.17
N PRO B 249 10.91 -1.60 5.45
CA PRO B 249 12.14 -1.03 5.96
C PRO B 249 12.95 -0.39 4.80
N VAL B 250 13.98 0.35 5.16
CA VAL B 250 14.75 1.12 4.19
C VAL B 250 15.27 0.31 2.99
N GLU B 251 15.85 -0.85 3.29
CA GLU B 251 16.49 -1.63 2.23
C GLU B 251 15.47 -2.04 1.24
N GLU B 252 14.27 -2.33 1.72
CA GLU B 252 13.17 -2.79 0.81
C GLU B 252 12.62 -1.63 0.03
N LEU B 253 12.63 -0.47 0.66
CA LEU B 253 12.20 0.72 -0.07
C LEU B 253 13.11 1.01 -1.25
N PHE B 254 14.43 0.90 -1.05
CA PHE B 254 15.38 1.12 -2.19
C PHE B 254 15.06 0.21 -3.33
N LYS B 255 14.77 -1.06 -3.00
CA LYS B 255 14.40 -2.06 -4.01
C LYS B 255 13.11 -1.73 -4.73
N LEU B 256 12.09 -1.28 -3.99
CA LEU B 256 10.85 -0.78 -4.68
C LEU B 256 11.10 0.34 -5.67
N LEU B 257 11.90 1.32 -5.27
CA LEU B 257 12.17 2.45 -6.15
C LEU B 257 12.99 2.01 -7.37
N LYS B 258 13.99 1.15 -7.15
CA LYS B 258 14.76 0.60 -8.29
C LYS B 258 13.85 -0.15 -9.26
N GLU B 259 12.82 -0.84 -8.76
CA GLU B 259 11.85 -1.50 -9.65
C GLU B 259 10.84 -0.59 -10.28
N GLY B 260 10.86 0.69 -9.97
CA GLY B 260 9.85 1.57 -10.55
C GLY B 260 8.45 1.44 -9.93
N HIS B 261 8.39 0.90 -8.71
CA HIS B 261 7.14 0.78 -7.97
C HIS B 261 6.56 2.16 -7.69
N ARG B 262 5.25 2.25 -7.75
CA ARG B 262 4.53 3.46 -7.40
C ARG B 262 3.32 3.10 -6.53
N MET B 263 2.97 3.96 -5.56
CA MET B 263 1.82 3.71 -4.69
C MET B 263 0.52 3.68 -5.52
N ASP B 264 -0.38 2.82 -5.10
CA ASP B 264 -1.76 2.74 -5.67
C ASP B 264 -2.53 4.02 -5.43
N LYS B 265 -3.45 4.30 -6.33
CA LYS B 265 -4.41 5.34 -6.14
C LYS B 265 -5.25 5.13 -4.86
N PRO B 266 -5.30 6.11 -3.96
CA PRO B 266 -6.21 6.05 -2.83
C PRO B 266 -7.64 6.03 -3.25
N SER B 267 -8.52 5.45 -2.44
CA SER B 267 -9.95 5.49 -2.78
C SER B 267 -10.42 6.93 -2.61
N ASN B 268 -11.46 7.36 -3.25
CA ASN B 268 -11.79 8.80 -3.09
C ASN B 268 -10.58 9.75 -3.45
N CYS B 269 -10.07 9.48 -4.64
CA CYS B 269 -9.16 10.32 -5.29
C CYS B 269 -9.53 10.21 -6.75
N THR B 270 -9.60 11.33 -7.44
CA THR B 270 -9.94 11.32 -8.88
C THR B 270 -8.78 10.82 -9.70
N ASN B 271 -9.06 10.36 -10.90
CA ASN B 271 -7.98 9.95 -11.78
C ASN B 271 -7.07 11.11 -12.09
N GLU B 272 -7.62 12.31 -12.13
CA GLU B 272 -6.84 13.52 -12.43
C GLU B 272 -5.77 13.81 -11.29
N LEU B 273 -6.20 13.74 -10.03
CA LEU B 273 -5.33 13.95 -8.88
C LEU B 273 -4.33 12.81 -8.76
N TYR B 274 -4.68 11.62 -9.23
CA TYR B 274 -3.77 10.52 -9.18
C TYR B 274 -2.71 10.75 -10.25
N MET B 275 -3.15 11.26 -11.39
CA MET B 275 -2.20 11.60 -12.47
C MET B 275 -1.19 12.67 -12.02
N MET B 276 -1.67 13.65 -11.26
CA MET B 276 -0.83 14.72 -10.66
C MET B 276 0.18 14.12 -9.72
N MET B 277 -0.26 13.18 -8.89
CA MET B 277 0.66 12.43 -8.07
C MET B 277 1.71 11.69 -8.86
N ARG B 278 1.26 10.91 -9.83
CA ARG B 278 2.17 10.06 -10.61
C ARG B 278 3.13 10.92 -11.41
N ASP B 279 2.68 12.06 -11.84
CA ASP B 279 3.57 13.00 -12.61
C ASP B 279 4.63 13.62 -11.67
N CYS B 280 4.24 13.96 -10.43
CA CYS B 280 5.20 14.30 -9.41
C CYS B 280 6.19 13.22 -9.18
N TRP B 281 5.81 11.98 -9.42
CA TRP B 281 6.73 10.84 -9.30
C TRP B 281 7.35 10.32 -10.61
N HIS B 282 7.46 11.18 -11.60
CA HIS B 282 8.31 10.86 -12.76
C HIS B 282 9.75 10.56 -12.38
N ALA B 283 10.30 9.49 -12.95
CA ALA B 283 11.68 9.13 -12.68
C ALA B 283 12.65 10.29 -13.08
N VAL B 284 12.29 10.99 -14.16
CA VAL B 284 13.07 12.08 -14.69
C VAL B 284 12.60 13.42 -14.14
N PRO B 285 13.47 14.09 -13.36
CA PRO B 285 13.06 15.27 -12.67
C PRO B 285 12.48 16.36 -13.52
N SER B 286 13.07 16.61 -14.70
CA SER B 286 12.62 17.67 -15.61
C SER B 286 11.23 17.36 -16.17
N GLN B 287 10.80 16.12 -16.10
CA GLN B 287 9.44 15.74 -16.54
C GLN B 287 8.38 15.88 -15.46
N ARG B 288 8.77 16.21 -14.22
CA ARG B 288 7.81 16.44 -13.16
C ARG B 288 7.30 17.82 -13.38
N PRO B 289 6.08 18.09 -12.92
CA PRO B 289 5.63 19.49 -13.00
C PRO B 289 6.43 20.37 -12.05
N THR B 290 6.39 21.68 -12.25
CA THR B 290 7.00 22.59 -11.33
C THR B 290 5.93 23.02 -10.31
N PHE B 291 6.33 23.73 -9.25
CA PHE B 291 5.37 24.23 -8.33
C PHE B 291 4.45 25.26 -8.96
N LYS B 292 4.97 26.06 -9.89
CA LYS B 292 4.16 27.06 -10.52
C LYS B 292 3.03 26.34 -11.35
N GLN B 293 3.36 25.25 -12.03
CA GLN B 293 2.34 24.50 -12.76
C GLN B 293 1.37 23.83 -11.81
N LEU B 294 1.88 23.26 -10.70
CA LEU B 294 0.98 22.65 -9.71
C LEU B 294 0.02 23.65 -9.13
N VAL B 295 0.51 24.84 -8.83
CA VAL B 295 -0.39 25.90 -8.33
C VAL B 295 -1.51 26.20 -9.30
N GLU B 296 -1.18 26.32 -10.59
CA GLU B 296 -2.21 26.65 -11.64
C GLU B 296 -3.24 25.50 -11.78
N ASP B 297 -2.76 24.27 -11.90
CA ASP B 297 -3.60 23.08 -11.98
C ASP B 297 -4.49 22.94 -10.77
N LEU B 298 -3.94 23.15 -9.57
CA LEU B 298 -4.71 22.96 -8.36
C LEU B 298 -5.72 24.07 -8.17
N ASP B 299 -5.33 25.27 -8.54
CA ASP B 299 -6.29 26.38 -8.61
C ASP B 299 -7.52 26.00 -9.53
N ARG B 300 -7.26 25.48 -10.71
CA ARG B 300 -8.37 25.06 -11.58
C ARG B 300 -9.23 23.95 -10.93
N ILE B 301 -8.58 22.94 -10.34
CA ILE B 301 -9.25 21.78 -9.76
C ILE B 301 -10.08 22.16 -8.58
N VAL B 302 -9.56 23.04 -7.74
CA VAL B 302 -10.30 23.52 -6.60
C VAL B 302 -11.66 24.04 -7.03
N ALA B 303 -11.64 25.00 -7.97
CA ALA B 303 -12.83 25.69 -8.47
C ALA B 303 -13.89 24.70 -8.98
N LEU B 304 -13.45 23.61 -9.60
CA LEU B 304 -14.33 22.53 -10.08
C LEU B 304 -14.61 21.39 -9.10
N THR B 305 -14.15 21.48 -7.85
CA THR B 305 -14.31 20.32 -6.98
C THR B 305 -15.48 20.65 -6.08
N SER B 306 -16.41 19.69 -5.97
CA SER B 306 -17.57 19.83 -5.10
C SER B 306 -17.23 19.98 -3.60
N ASN B 307 -17.86 20.97 -2.94
CA ASN B 307 -17.94 20.95 -1.45
C ASN B 307 -19.18 20.29 -0.87
N GLN B 308 -19.97 19.57 -1.68
CA GLN B 308 -21.22 19.00 -1.18
C GLN B 308 -21.03 17.56 -0.60
N GLU B 309 -19.86 16.97 -0.86
CA GLU B 309 -19.45 15.67 -0.31
C GLU B 309 -18.06 15.82 0.30
#